data_1KEQ
#
_entry.id   1KEQ
#
_cell.length_a   99.299
_cell.length_b   66.703
_cell.length_c   92.563
_cell.angle_alpha   90.00
_cell.angle_beta   105.70
_cell.angle_gamma   90.00
#
_symmetry.space_group_name_H-M   'C 1 2 1'
#
loop_
_entity.id
_entity.type
_entity.pdbx_description
1 polymer 'F65A/Y131C-MI Carbonic Anhydrase V'
2 non-polymer 'POTASSIUM ION'
3 non-polymer 'ZINC ION'
4 non-polymer 4-METHYLIMIDAZOLE
5 non-polymer 'ACETIC ACID'
6 water water
#
_entity_poly.entity_id   1
_entity_poly.type   'polypeptide(L)'
_entity_poly.pdbx_seq_one_letter_code
;CATGTRQSPINIQWKDSVYDPQLAPLRVSYDAASCRYLWNTGYAFQVEFDDSCEDSGISGGPLGNHYRLKQFHFHWGATD
EWGSEHAVDGHTYPAELHLVHWNSTKYENCKKASVGENGLAVIGVFLKLGAHHQALQKLVDVLPEVRHKDTQVAMGPFDP
SCLMPACRDYWTYPGSLTTPPLAESVTWIVQKTPVEVSPSQLSMFRTLLFSGRGEEEDVMVNNYRPLQPLRDRKLRSSFR
LDRTKMRS
;
_entity_poly.pdbx_strand_id   A,B
#
loop_
_chem_comp.id
_chem_comp.type
_chem_comp.name
_chem_comp.formula
4MZ non-polymer 4-METHYLIMIDAZOLE 'C4 H6 N2'
ACY non-polymer 'ACETIC ACID' 'C2 H4 O2'
K non-polymer 'POTASSIUM ION' 'K 1'
ZN non-polymer 'ZINC ION' 'Zn 2'
#
# COMPACT_ATOMS: atom_id res chain seq x y z
N GLY A 4 -7.69 -24.52 -18.47
CA GLY A 4 -6.84 -23.76 -17.52
C GLY A 4 -5.87 -24.65 -16.77
N THR A 5 -4.74 -24.08 -16.37
CA THR A 5 -3.72 -24.84 -15.65
C THR A 5 -3.70 -24.44 -14.17
N ARG A 6 -4.56 -23.50 -13.80
CA ARG A 6 -4.62 -23.05 -12.41
C ARG A 6 -6.07 -23.06 -11.91
N GLN A 7 -6.74 -24.20 -12.08
CA GLN A 7 -8.13 -24.34 -11.68
C GLN A 7 -8.29 -24.78 -10.22
N SER A 8 -9.41 -24.39 -9.63
CA SER A 8 -9.74 -24.69 -8.24
C SER A 8 -11.11 -25.37 -8.19
N PRO A 9 -11.42 -26.11 -7.11
CA PRO A 9 -10.60 -26.37 -5.91
C PRO A 9 -9.62 -27.50 -6.18
N ILE A 10 -8.80 -27.79 -5.17
CA ILE A 10 -7.82 -28.87 -5.30
C ILE A 10 -7.78 -29.72 -4.04
N ASN A 11 -7.16 -30.88 -4.14
CA ASN A 11 -6.99 -31.74 -2.98
C ASN A 11 -5.64 -31.30 -2.40
N ILE A 12 -5.69 -30.63 -1.26
CA ILE A 12 -4.49 -30.13 -0.59
C ILE A 12 -3.76 -31.30 0.07
N GLN A 13 -2.64 -31.69 -0.54
CA GLN A 13 -1.87 -32.83 -0.05
C GLN A 13 -0.51 -32.51 0.55
N TRP A 14 -0.17 -33.24 1.60
CA TRP A 14 1.11 -33.08 2.30
C TRP A 14 2.29 -33.16 1.34
N LYS A 15 2.26 -34.15 0.45
CA LYS A 15 3.34 -34.38 -0.51
C LYS A 15 3.66 -33.18 -1.42
N ASP A 16 2.67 -32.33 -1.66
CA ASP A 16 2.87 -31.17 -2.52
C ASP A 16 3.14 -29.89 -1.73
N SER A 17 2.95 -29.95 -0.42
CA SER A 17 3.14 -28.77 0.41
C SER A 17 4.59 -28.40 0.70
N VAL A 18 4.88 -27.11 0.61
CA VAL A 18 6.20 -26.59 0.91
C VAL A 18 5.99 -25.46 1.92
N TYR A 19 6.72 -25.51 3.02
CA TYR A 19 6.59 -24.48 4.04
C TYR A 19 7.30 -23.20 3.61
N ASP A 20 6.60 -22.08 3.70
CA ASP A 20 7.20 -20.79 3.36
C ASP A 20 7.22 -19.92 4.60
N PRO A 21 8.32 -19.99 5.38
CA PRO A 21 8.47 -19.21 6.60
C PRO A 21 8.56 -17.71 6.38
N GLN A 22 8.75 -17.28 5.14
CA GLN A 22 8.86 -15.86 4.82
C GLN A 22 7.51 -15.15 4.78
N LEU A 23 6.42 -15.91 4.67
CA LEU A 23 5.09 -15.31 4.63
C LEU A 23 4.85 -14.34 5.78
N ALA A 24 4.57 -13.09 5.45
CA ALA A 24 4.32 -12.08 6.46
C ALA A 24 2.98 -12.39 7.14
N PRO A 25 2.77 -11.90 8.36
CA PRO A 25 1.51 -12.17 9.06
C PRO A 25 0.29 -11.74 8.25
N LEU A 26 -0.69 -12.63 8.15
CA LEU A 26 -1.91 -12.31 7.43
C LEU A 26 -2.77 -11.45 8.35
N ARG A 27 -3.10 -10.23 7.92
CA ARG A 27 -3.89 -9.33 8.74
C ARG A 27 -5.35 -9.32 8.30
N VAL A 28 -6.24 -9.70 9.21
CA VAL A 28 -7.66 -9.75 8.91
C VAL A 28 -8.41 -8.73 9.77
N SER A 29 -9.06 -7.77 9.14
CA SER A 29 -9.81 -6.76 9.88
C SER A 29 -11.00 -6.27 9.08
N TYR A 30 -12.19 -6.64 9.51
CA TYR A 30 -13.42 -6.26 8.82
C TYR A 30 -14.23 -5.21 9.58
N ASP A 31 -15.02 -4.45 8.83
CA ASP A 31 -15.90 -3.45 9.42
C ASP A 31 -17.27 -4.13 9.43
N ALA A 32 -17.68 -4.62 10.60
CA ALA A 32 -18.96 -5.30 10.73
C ALA A 32 -20.12 -4.45 10.25
N ALA A 33 -20.04 -3.15 10.51
CA ALA A 33 -21.09 -2.21 10.12
C ALA A 33 -21.28 -2.09 8.60
N SER A 34 -20.38 -2.67 7.82
CA SER A 34 -20.50 -2.60 6.37
C SER A 34 -21.35 -3.74 5.78
N CYS A 35 -21.84 -4.64 6.62
CA CYS A 35 -22.67 -5.73 6.11
C CYS A 35 -24.00 -5.14 5.62
N ARG A 36 -24.54 -5.67 4.53
CA ARG A 36 -25.77 -5.13 3.96
C ARG A 36 -26.94 -6.10 3.80
N TYR A 37 -26.73 -7.24 3.17
CA TYR A 37 -27.81 -8.22 3.02
C TYR A 37 -27.33 -9.63 2.73
N LEU A 38 -28.26 -10.57 2.81
CA LEU A 38 -27.98 -11.98 2.53
C LEU A 38 -28.94 -12.40 1.43
N TRP A 39 -28.45 -13.16 0.47
CA TRP A 39 -29.31 -13.59 -0.61
C TRP A 39 -29.02 -14.97 -1.15
N ASN A 40 -30.03 -15.51 -1.82
CA ASN A 40 -29.96 -16.81 -2.48
C ASN A 40 -29.55 -16.48 -3.91
N THR A 41 -28.34 -16.86 -4.30
CA THR A 41 -27.83 -16.55 -5.63
C THR A 41 -28.34 -17.47 -6.71
N GLY A 42 -29.05 -18.53 -6.32
CA GLY A 42 -29.52 -19.49 -7.30
C GLY A 42 -28.55 -20.66 -7.33
N TYR A 43 -27.44 -20.52 -6.61
CA TYR A 43 -26.42 -21.56 -6.54
C TYR A 43 -26.00 -21.79 -5.09
N ALA A 44 -25.99 -20.72 -4.29
CA ALA A 44 -25.61 -20.80 -2.89
C ALA A 44 -26.26 -19.64 -2.16
N PHE A 45 -25.93 -19.43 -0.89
CA PHE A 45 -26.45 -18.25 -0.21
C PHE A 45 -25.22 -17.41 0.08
N GLN A 46 -25.39 -16.10 -0.03
CA GLN A 46 -24.27 -15.17 0.06
C GLN A 46 -24.57 -13.90 0.83
N VAL A 47 -23.57 -13.42 1.56
CA VAL A 47 -23.69 -12.20 2.34
C VAL A 47 -22.88 -11.11 1.66
N GLU A 48 -23.55 -10.00 1.36
CA GLU A 48 -22.91 -8.89 0.65
C GLU A 48 -22.55 -7.73 1.56
N PHE A 49 -21.42 -7.10 1.26
CA PHE A 49 -20.94 -5.97 2.04
C PHE A 49 -20.76 -4.72 1.18
N ASP A 50 -20.74 -3.58 1.86
CA ASP A 50 -20.54 -2.29 1.23
C ASP A 50 -19.01 -2.14 1.22
N ASP A 51 -18.41 -2.31 0.05
CA ASP A 51 -16.95 -2.23 -0.04
C ASP A 51 -16.44 -0.83 -0.39
N SER A 52 -17.13 0.20 0.08
CA SER A 52 -16.75 1.58 -0.19
C SER A 52 -15.43 1.97 0.46
N CYS A 53 -15.26 1.61 1.71
CA CYS A 53 -14.04 1.92 2.45
C CYS A 53 -12.95 0.88 2.21
N GLU A 54 -11.70 1.25 2.47
CA GLU A 54 -10.59 0.32 2.27
C GLU A 54 -9.99 -0.09 3.61
N ASP A 55 -10.81 -0.02 4.66
CA ASP A 55 -10.37 -0.40 5.99
C ASP A 55 -11.06 -1.70 6.41
N SER A 56 -11.64 -2.39 5.42
CA SER A 56 -12.33 -3.64 5.69
C SER A 56 -11.92 -4.73 4.71
N GLY A 57 -11.00 -5.59 5.15
CA GLY A 57 -10.53 -6.66 4.30
C GLY A 57 -9.30 -7.31 4.87
N ILE A 58 -8.41 -7.79 4.00
CA ILE A 58 -7.21 -8.47 4.44
C ILE A 58 -5.95 -7.98 3.73
N SER A 59 -4.81 -8.22 4.37
CA SER A 59 -3.52 -7.86 3.83
C SER A 59 -2.47 -8.78 4.44
N GLY A 60 -1.23 -8.64 3.97
CA GLY A 60 -0.16 -9.47 4.48
C GLY A 60 -0.15 -10.83 3.82
N GLY A 61 0.53 -11.78 4.45
CA GLY A 61 0.59 -13.12 3.89
C GLY A 61 1.13 -13.08 2.47
N PRO A 62 0.50 -13.81 1.54
CA PRO A 62 0.93 -13.85 0.14
C PRO A 62 0.35 -12.71 -0.71
N LEU A 63 -0.18 -11.69 -0.06
CA LEU A 63 -0.78 -10.57 -0.78
C LEU A 63 0.12 -9.34 -0.88
N GLY A 64 0.14 -8.73 -2.06
CA GLY A 64 0.98 -7.55 -2.28
C GLY A 64 0.44 -6.29 -1.62
N ASN A 65 -0.85 -6.29 -1.31
CA ASN A 65 -1.48 -5.16 -0.67
C ASN A 65 -2.85 -5.55 -0.12
N HIS A 66 -3.54 -4.58 0.46
CA HIS A 66 -4.87 -4.79 1.02
C HIS A 66 -5.89 -5.16 -0.05
N TYR A 67 -6.77 -6.10 0.29
CA TYR A 67 -7.85 -6.54 -0.59
C TYR A 67 -9.12 -6.25 0.20
N ARG A 68 -10.10 -5.63 -0.45
CA ARG A 68 -11.35 -5.28 0.21
C ARG A 68 -12.37 -6.41 0.23
N LEU A 69 -13.01 -6.60 1.37
CA LEU A 69 -14.04 -7.62 1.50
C LEU A 69 -15.26 -7.19 0.69
N LYS A 70 -15.78 -8.11 -0.12
CA LYS A 70 -16.97 -7.80 -0.92
C LYS A 70 -18.13 -8.69 -0.49
N GLN A 71 -17.87 -9.98 -0.36
CA GLN A 71 -18.90 -10.94 0.03
C GLN A 71 -18.31 -12.26 0.51
N PHE A 72 -19.15 -13.10 1.08
CA PHE A 72 -18.73 -14.43 1.48
C PHE A 72 -19.93 -15.35 1.27
N HIS A 73 -19.66 -16.60 0.92
CA HIS A 73 -20.73 -17.55 0.66
C HIS A 73 -20.32 -18.95 1.08
N PHE A 74 -21.27 -19.88 0.99
CA PHE A 74 -21.02 -21.26 1.40
C PHE A 74 -21.29 -22.29 0.31
N HIS A 75 -20.66 -23.45 0.47
CA HIS A 75 -20.79 -24.58 -0.44
C HIS A 75 -21.05 -25.77 0.49
N TRP A 76 -21.99 -26.64 0.14
CA TRP A 76 -22.31 -27.79 1.01
C TRP A 76 -22.88 -28.98 0.24
N GLY A 77 -23.04 -30.11 0.93
CA GLY A 77 -23.56 -31.30 0.29
C GLY A 77 -24.96 -31.74 0.70
N ALA A 78 -25.42 -32.84 0.11
CA ALA A 78 -26.75 -33.37 0.40
C ALA A 78 -26.82 -34.00 1.80
N THR A 79 -25.67 -34.38 2.34
CA THR A 79 -25.58 -34.98 3.68
C THR A 79 -24.29 -34.48 4.32
N ASP A 80 -24.09 -34.81 5.59
CA ASP A 80 -22.89 -34.38 6.30
C ASP A 80 -21.60 -35.06 5.81
N GLU A 81 -21.71 -36.07 4.96
CA GLU A 81 -20.52 -36.79 4.50
C GLU A 81 -19.66 -36.13 3.43
N TRP A 82 -20.15 -35.07 2.80
CA TRP A 82 -19.36 -34.35 1.80
C TRP A 82 -19.95 -32.95 1.62
N GLY A 83 -19.34 -32.14 0.76
CA GLY A 83 -19.87 -30.80 0.55
C GLY A 83 -18.83 -29.72 0.31
N SER A 84 -17.67 -29.83 0.94
CA SER A 84 -16.60 -28.83 0.78
C SER A 84 -16.01 -28.93 -0.63
N GLU A 85 -15.41 -27.84 -1.08
CA GLU A 85 -14.81 -27.83 -2.42
C GLU A 85 -13.40 -28.38 -2.36
N HIS A 86 -12.55 -27.79 -1.53
CA HIS A 86 -11.20 -28.30 -1.40
C HIS A 86 -11.26 -29.57 -0.53
N ALA A 87 -10.20 -30.36 -0.58
CA ALA A 87 -10.10 -31.55 0.24
C ALA A 87 -8.71 -31.45 0.88
N VAL A 88 -8.53 -32.12 2.01
CA VAL A 88 -7.24 -32.11 2.68
C VAL A 88 -6.80 -33.55 2.76
N ASP A 89 -5.75 -33.88 2.00
CA ASP A 89 -5.23 -35.24 1.94
C ASP A 89 -6.37 -36.23 1.69
N GLY A 90 -7.24 -35.87 0.74
CA GLY A 90 -8.35 -36.73 0.38
C GLY A 90 -9.62 -36.62 1.21
N HIS A 91 -9.56 -35.86 2.32
CA HIS A 91 -10.74 -35.71 3.18
C HIS A 91 -11.60 -34.51 2.81
N THR A 92 -12.89 -34.77 2.62
CA THR A 92 -13.85 -33.72 2.27
C THR A 92 -14.69 -33.38 3.50
N TYR A 93 -14.92 -32.10 3.75
CA TYR A 93 -15.71 -31.65 4.90
C TYR A 93 -17.16 -31.43 4.48
N PRO A 94 -18.08 -31.32 5.46
CA PRO A 94 -19.49 -31.11 5.10
C PRO A 94 -19.81 -29.80 4.39
N ALA A 95 -19.03 -28.77 4.65
CA ALA A 95 -19.27 -27.48 3.99
C ALA A 95 -18.01 -26.64 3.96
N GLU A 96 -18.02 -25.60 3.13
CA GLU A 96 -16.87 -24.72 3.01
C GLU A 96 -17.34 -23.29 2.82
N LEU A 97 -16.70 -22.40 3.58
CA LEU A 97 -17.00 -20.97 3.56
C LEU A 97 -15.94 -20.26 2.72
N HIS A 98 -16.39 -19.36 1.84
CA HIS A 98 -15.47 -18.58 1.01
C HIS A 98 -15.68 -17.10 1.23
N LEU A 99 -14.64 -16.42 1.69
CA LEU A 99 -14.68 -14.98 1.91
C LEU A 99 -13.92 -14.39 0.73
N VAL A 100 -14.63 -13.60 -0.09
CA VAL A 100 -14.06 -13.02 -1.30
C VAL A 100 -13.65 -11.55 -1.15
N HIS A 101 -12.38 -11.27 -1.43
CA HIS A 101 -11.84 -9.91 -1.35
C HIS A 101 -11.22 -9.55 -2.72
N TRP A 102 -11.23 -8.28 -3.08
CA TRP A 102 -10.66 -7.87 -4.37
C TRP A 102 -9.52 -6.85 -4.25
N ASN A 103 -8.58 -6.93 -5.18
CA ASN A 103 -7.40 -6.07 -5.22
C ASN A 103 -7.76 -4.62 -5.60
N SER A 104 -7.93 -3.77 -4.59
CA SER A 104 -8.29 -2.38 -4.81
C SER A 104 -7.09 -1.53 -5.22
N THR A 105 -5.93 -2.14 -5.32
CA THR A 105 -4.72 -1.42 -5.73
C THR A 105 -4.56 -1.60 -7.23
N LYS A 106 -4.72 -2.85 -7.68
CA LYS A 106 -4.56 -3.19 -9.08
C LYS A 106 -5.83 -3.03 -9.91
N TYR A 107 -6.99 -3.04 -9.26
CA TYR A 107 -8.24 -2.92 -10.00
C TYR A 107 -9.20 -1.86 -9.47
N GLU A 108 -10.07 -1.41 -10.38
CA GLU A 108 -11.04 -0.37 -10.09
C GLU A 108 -12.26 -0.84 -9.28
N ASN A 109 -12.63 -2.12 -9.43
CA ASN A 109 -13.77 -2.68 -8.71
C ASN A 109 -13.70 -4.21 -8.71
N CYS A 110 -14.55 -4.84 -7.91
CA CYS A 110 -14.59 -6.31 -7.80
C CYS A 110 -14.84 -6.96 -9.16
N LYS A 111 -15.87 -6.51 -9.86
CA LYS A 111 -16.22 -7.05 -11.16
C LYS A 111 -15.01 -7.22 -12.10
N LYS A 112 -14.22 -6.17 -12.24
CA LYS A 112 -13.03 -6.26 -13.10
C LYS A 112 -11.95 -7.10 -12.45
N ALA A 113 -11.80 -6.96 -11.14
CA ALA A 113 -10.79 -7.73 -10.42
C ALA A 113 -11.08 -9.23 -10.47
N SER A 114 -12.36 -9.59 -10.49
CA SER A 114 -12.75 -10.99 -10.52
C SER A 114 -12.24 -11.77 -11.73
N VAL A 115 -11.99 -11.08 -12.83
CA VAL A 115 -11.49 -11.76 -14.03
C VAL A 115 -10.07 -11.35 -14.39
N GLY A 116 -9.42 -10.59 -13.52
CA GLY A 116 -8.06 -10.16 -13.79
C GLY A 116 -6.99 -10.85 -12.97
N GLU A 117 -5.77 -10.87 -13.50
CA GLU A 117 -4.64 -11.49 -12.81
C GLU A 117 -4.48 -10.83 -11.44
N ASN A 118 -4.35 -11.66 -10.40
CA ASN A 118 -4.19 -11.16 -9.04
C ASN A 118 -5.33 -10.25 -8.63
N GLY A 119 -6.51 -10.51 -9.18
CA GLY A 119 -7.65 -9.68 -8.85
C GLY A 119 -8.32 -10.02 -7.53
N LEU A 120 -8.34 -11.29 -7.16
CA LEU A 120 -8.99 -11.70 -5.93
C LEU A 120 -8.13 -12.48 -4.93
N ALA A 121 -8.53 -12.39 -3.67
CA ALA A 121 -7.89 -13.11 -2.58
C ALA A 121 -9.09 -13.72 -1.87
N VAL A 122 -9.18 -15.04 -1.89
CA VAL A 122 -10.30 -15.74 -1.27
C VAL A 122 -9.85 -16.63 -0.13
N ILE A 123 -10.44 -16.43 1.04
CA ILE A 123 -10.12 -17.27 2.20
C ILE A 123 -11.16 -18.39 2.25
N GLY A 124 -10.66 -19.62 2.38
CA GLY A 124 -11.53 -20.76 2.45
C GLY A 124 -11.50 -21.29 3.88
N VAL A 125 -12.68 -21.60 4.41
CA VAL A 125 -12.79 -22.12 5.76
C VAL A 125 -13.66 -23.37 5.71
N PHE A 126 -13.16 -24.46 6.29
CA PHE A 126 -13.92 -25.71 6.31
C PHE A 126 -14.83 -25.70 7.53
N LEU A 127 -16.03 -26.27 7.36
CA LEU A 127 -16.97 -26.36 8.47
C LEU A 127 -17.13 -27.86 8.74
N LYS A 128 -17.10 -28.24 10.02
CA LYS A 128 -17.24 -29.63 10.42
C LYS A 128 -18.30 -29.73 11.52
N LEU A 129 -18.83 -30.92 11.73
CA LEU A 129 -19.84 -31.12 12.78
C LEU A 129 -19.20 -30.99 14.16
N GLY A 130 -19.89 -30.32 15.06
CA GLY A 130 -19.37 -30.14 16.41
C GLY A 130 -20.27 -29.24 17.20
N ALA A 131 -19.67 -28.36 18.00
CA ALA A 131 -20.45 -27.43 18.81
C ALA A 131 -21.15 -26.40 17.94
N HIS A 132 -22.25 -25.87 18.47
CA HIS A 132 -23.03 -24.85 17.80
C HIS A 132 -22.16 -23.61 17.57
N HIS A 133 -22.34 -22.95 16.43
CA HIS A 133 -21.56 -21.76 16.12
C HIS A 133 -22.49 -20.53 16.19
N GLN A 134 -22.33 -19.74 17.23
CA GLN A 134 -23.19 -18.58 17.46
C GLN A 134 -23.24 -17.54 16.33
N ALA A 135 -22.08 -17.16 15.80
CA ALA A 135 -22.05 -16.17 14.74
C ALA A 135 -22.78 -16.69 13.50
N LEU A 136 -22.48 -17.93 13.12
CA LEU A 136 -23.14 -18.53 11.97
C LEU A 136 -24.66 -18.58 12.15
N GLN A 137 -25.10 -18.75 13.39
CA GLN A 137 -26.54 -18.85 13.65
C GLN A 137 -27.28 -17.57 13.27
N LYS A 138 -26.60 -16.43 13.35
CA LYS A 138 -27.24 -15.17 12.98
C LYS A 138 -27.65 -15.23 11.51
N LEU A 139 -26.88 -15.97 10.71
CA LEU A 139 -27.17 -16.11 9.29
C LEU A 139 -28.22 -17.20 9.09
N VAL A 140 -28.05 -18.30 9.82
CA VAL A 140 -28.99 -19.42 9.69
C VAL A 140 -30.42 -18.97 10.01
N ASP A 141 -30.56 -18.12 11.03
CA ASP A 141 -31.88 -17.64 11.43
C ASP A 141 -32.75 -17.09 10.30
N VAL A 142 -32.12 -16.45 9.31
CA VAL A 142 -32.87 -15.87 8.20
C VAL A 142 -32.97 -16.71 6.93
N LEU A 143 -32.35 -17.88 6.91
CA LEU A 143 -32.42 -18.72 5.73
C LEU A 143 -33.85 -19.01 5.27
N PRO A 144 -34.81 -19.11 6.22
CA PRO A 144 -36.19 -19.39 5.78
C PRO A 144 -36.76 -18.25 4.94
N GLU A 145 -36.11 -17.09 5.00
CA GLU A 145 -36.55 -15.92 4.24
C GLU A 145 -36.00 -15.88 2.83
N VAL A 146 -34.98 -16.69 2.56
CA VAL A 146 -34.37 -16.70 1.23
C VAL A 146 -34.35 -18.07 0.55
N ARG A 147 -35.40 -18.86 0.78
CA ARG A 147 -35.49 -20.19 0.20
C ARG A 147 -35.45 -20.18 -1.33
N HIS A 148 -36.10 -19.21 -1.96
CA HIS A 148 -36.12 -19.16 -3.41
C HIS A 148 -35.00 -18.36 -4.05
N LYS A 149 -34.61 -18.79 -5.25
CA LYS A 149 -33.55 -18.14 -6.01
C LYS A 149 -33.79 -16.64 -6.10
N ASP A 150 -32.70 -15.90 -5.95
CA ASP A 150 -32.71 -14.44 -6.03
C ASP A 150 -33.37 -13.69 -4.89
N THR A 151 -33.98 -14.37 -3.94
CA THR A 151 -34.61 -13.63 -2.85
C THR A 151 -33.53 -13.10 -1.91
N GLN A 152 -33.81 -11.98 -1.25
CA GLN A 152 -32.84 -11.36 -0.36
C GLN A 152 -33.44 -10.84 0.93
N VAL A 153 -32.58 -10.64 1.92
CA VAL A 153 -33.01 -10.14 3.22
C VAL A 153 -31.92 -9.24 3.82
N ALA A 154 -32.33 -8.15 4.44
CA ALA A 154 -31.39 -7.21 5.06
C ALA A 154 -30.60 -7.85 6.19
N MET A 155 -29.37 -7.39 6.36
CA MET A 155 -28.48 -7.88 7.41
C MET A 155 -28.07 -6.75 8.35
N GLY A 156 -27.91 -7.07 9.62
CA GLY A 156 -27.45 -6.07 10.58
C GLY A 156 -25.94 -6.20 10.56
N PRO A 157 -25.20 -5.49 11.41
CA PRO A 157 -23.75 -5.65 11.37
C PRO A 157 -23.33 -7.11 11.55
N PHE A 158 -22.22 -7.48 10.91
CA PHE A 158 -21.71 -8.85 11.01
C PHE A 158 -20.24 -8.87 10.66
N ASP A 159 -19.42 -9.37 11.58
CA ASP A 159 -17.98 -9.46 11.37
C ASP A 159 -17.62 -10.89 10.93
N PRO A 160 -17.25 -11.05 9.65
CA PRO A 160 -16.89 -12.36 9.09
C PRO A 160 -15.74 -13.06 9.83
N SER A 161 -14.92 -12.31 10.55
CA SER A 161 -13.82 -12.90 11.31
C SER A 161 -14.36 -13.89 12.34
N CYS A 162 -15.60 -13.67 12.75
CA CYS A 162 -16.25 -14.53 13.73
C CYS A 162 -16.50 -15.93 13.16
N LEU A 163 -16.41 -16.07 11.84
CA LEU A 163 -16.61 -17.36 11.19
C LEU A 163 -15.31 -18.13 10.98
N MET A 164 -14.20 -17.50 11.34
CA MET A 164 -12.90 -18.13 11.16
C MET A 164 -12.42 -18.84 12.40
N PRO A 165 -11.51 -19.82 12.23
CA PRO A 165 -10.97 -20.56 13.37
C PRO A 165 -9.99 -19.68 14.14
N ALA A 166 -9.78 -20.01 15.41
CA ALA A 166 -8.86 -19.26 16.24
C ALA A 166 -7.44 -19.49 15.70
N CYS A 167 -7.13 -20.73 15.37
CA CYS A 167 -5.83 -21.07 14.79
C CYS A 167 -5.94 -20.62 13.34
N ARG A 168 -5.02 -19.75 12.91
CA ARG A 168 -5.08 -19.22 11.56
C ARG A 168 -4.10 -19.80 10.54
N ASP A 169 -3.52 -20.96 10.83
CA ASP A 169 -2.59 -21.59 9.87
C ASP A 169 -3.31 -21.80 8.53
N TYR A 170 -2.60 -21.56 7.43
CA TYR A 170 -3.21 -21.72 6.12
C TYR A 170 -2.26 -22.21 5.04
N TRP A 171 -2.85 -22.64 3.92
CA TRP A 171 -2.11 -23.06 2.74
C TRP A 171 -2.48 -21.98 1.73
N THR A 172 -1.60 -21.70 0.78
CA THR A 172 -1.91 -20.71 -0.24
C THR A 172 -1.37 -21.19 -1.57
N TYR A 173 -2.13 -20.91 -2.63
CA TYR A 173 -1.73 -21.32 -3.97
C TYR A 173 -2.53 -20.49 -4.96
N PRO A 174 -2.00 -20.29 -6.18
CA PRO A 174 -2.69 -19.50 -7.19
C PRO A 174 -3.79 -20.37 -7.82
N GLY A 175 -5.03 -19.89 -7.79
CA GLY A 175 -6.12 -20.66 -8.34
C GLY A 175 -7.16 -19.88 -9.11
N SER A 176 -8.40 -20.37 -9.10
CA SER A 176 -9.48 -19.73 -9.83
C SER A 176 -10.80 -19.69 -9.08
N LEU A 177 -11.79 -19.05 -9.72
CA LEU A 177 -13.14 -18.99 -9.16
C LEU A 177 -13.64 -20.42 -9.32
N THR A 178 -14.64 -20.82 -8.56
CA THR A 178 -15.16 -22.18 -8.70
C THR A 178 -16.56 -22.16 -9.32
N THR A 179 -16.94 -20.99 -9.82
CA THR A 179 -18.21 -20.79 -10.51
C THR A 179 -17.85 -20.02 -11.77
N PRO A 180 -18.69 -20.09 -12.83
CA PRO A 180 -18.36 -19.35 -14.05
C PRO A 180 -17.99 -17.91 -13.74
N PRO A 181 -17.07 -17.32 -14.52
CA PRO A 181 -16.34 -17.86 -15.67
C PRO A 181 -15.10 -18.70 -15.32
N LEU A 182 -14.94 -19.05 -14.04
CA LEU A 182 -13.80 -19.85 -13.63
C LEU A 182 -12.48 -19.16 -13.99
N ALA A 183 -12.43 -17.84 -13.81
CA ALA A 183 -11.21 -17.09 -14.10
C ALA A 183 -10.12 -17.45 -13.10
N GLU A 184 -8.87 -17.48 -13.57
CA GLU A 184 -7.74 -17.80 -12.70
C GLU A 184 -7.18 -16.51 -12.13
N SER A 185 -8.03 -15.80 -11.39
CA SER A 185 -7.71 -14.51 -10.80
C SER A 185 -7.62 -14.57 -9.27
N VAL A 186 -7.56 -15.77 -8.71
CA VAL A 186 -7.56 -15.92 -7.26
C VAL A 186 -6.30 -16.39 -6.56
N THR A 187 -5.95 -15.69 -5.48
CA THR A 187 -4.83 -16.11 -4.64
C THR A 187 -5.61 -16.79 -3.52
N TRP A 188 -5.57 -18.12 -3.48
CA TRP A 188 -6.29 -18.85 -2.44
C TRP A 188 -5.56 -18.92 -1.11
N ILE A 189 -6.33 -18.74 -0.04
CA ILE A 189 -5.82 -18.82 1.32
C ILE A 189 -6.81 -19.75 2.03
N VAL A 190 -6.45 -21.02 2.16
CA VAL A 190 -7.32 -22.00 2.80
C VAL A 190 -6.88 -22.30 4.22
N GLN A 191 -7.73 -21.95 5.19
CA GLN A 191 -7.43 -22.18 6.59
C GLN A 191 -7.40 -23.67 6.90
N LYS A 192 -6.34 -24.11 7.56
CA LYS A 192 -6.16 -25.52 7.91
C LYS A 192 -7.16 -26.04 8.95
N THR A 193 -7.48 -25.19 9.92
CA THR A 193 -8.36 -25.56 11.01
C THR A 193 -9.86 -25.40 10.75
N PRO A 194 -10.58 -26.52 10.67
CA PRO A 194 -12.02 -26.43 10.43
C PRO A 194 -12.73 -25.76 11.60
N VAL A 195 -13.91 -25.20 11.32
CA VAL A 195 -14.70 -24.52 12.33
C VAL A 195 -15.92 -25.40 12.63
N GLU A 196 -16.21 -25.60 13.91
CA GLU A 196 -17.34 -26.44 14.30
C GLU A 196 -18.70 -25.73 14.20
N VAL A 197 -19.68 -26.46 13.71
CA VAL A 197 -21.05 -25.97 13.58
C VAL A 197 -21.95 -27.13 13.99
N SER A 198 -23.14 -26.81 14.49
CA SER A 198 -24.06 -27.86 14.91
C SER A 198 -24.72 -28.53 13.73
N PRO A 199 -25.22 -29.76 13.94
CA PRO A 199 -25.88 -30.52 12.89
C PRO A 199 -27.06 -29.74 12.27
N SER A 200 -27.77 -28.98 13.09
CA SER A 200 -28.92 -28.22 12.60
C SER A 200 -28.54 -27.07 11.67
N GLN A 201 -27.35 -26.52 11.86
CA GLN A 201 -26.91 -25.40 11.03
C GLN A 201 -26.68 -25.85 9.59
N LEU A 202 -26.07 -27.02 9.42
CA LEU A 202 -25.84 -27.57 8.09
C LEU A 202 -27.16 -28.04 7.49
N SER A 203 -28.03 -28.56 8.34
CA SER A 203 -29.34 -29.02 7.88
C SER A 203 -30.13 -27.84 7.31
N MET A 204 -30.01 -26.68 7.95
CA MET A 204 -30.72 -25.50 7.48
C MET A 204 -30.20 -25.05 6.10
N PHE A 205 -28.91 -25.26 5.84
CA PHE A 205 -28.34 -24.90 4.54
C PHE A 205 -29.13 -25.65 3.47
N ARG A 206 -29.40 -26.91 3.75
CA ARG A 206 -30.11 -27.76 2.80
C ARG A 206 -31.60 -27.48 2.61
N THR A 207 -32.10 -26.44 3.26
CA THR A 207 -33.52 -26.09 3.11
C THR A 207 -33.70 -25.04 2.00
N LEU A 208 -32.59 -24.59 1.42
CA LEU A 208 -32.65 -23.61 0.34
C LEU A 208 -32.95 -24.29 -0.99
N LEU A 209 -33.39 -23.51 -1.98
CA LEU A 209 -33.73 -24.03 -3.30
C LEU A 209 -32.95 -23.36 -4.43
N PHE A 210 -32.65 -24.14 -5.47
CA PHE A 210 -31.96 -23.63 -6.66
C PHE A 210 -33.03 -22.92 -7.50
N SER A 211 -34.27 -23.35 -7.32
CA SER A 211 -35.42 -22.85 -8.07
C SER A 211 -36.03 -21.54 -7.58
N GLY A 212 -36.71 -20.85 -8.49
CA GLY A 212 -37.32 -19.58 -8.16
C GLY A 212 -38.77 -19.76 -7.74
N ARG A 213 -39.34 -18.70 -7.16
CA ARG A 213 -40.72 -18.73 -6.70
C ARG A 213 -41.66 -19.24 -7.79
N GLY A 214 -42.66 -20.01 -7.39
CA GLY A 214 -43.63 -20.53 -8.34
C GLY A 214 -43.17 -21.70 -9.19
N GLU A 215 -41.89 -22.02 -9.13
CA GLU A 215 -41.35 -23.12 -9.91
C GLU A 215 -41.30 -24.41 -9.10
N GLU A 216 -41.11 -25.52 -9.79
CA GLU A 216 -41.03 -26.81 -9.12
C GLU A 216 -39.78 -26.77 -8.26
N GLU A 217 -39.93 -27.09 -6.97
CA GLU A 217 -38.79 -27.04 -6.06
C GLU A 217 -37.63 -27.91 -6.48
N ASP A 218 -36.44 -27.31 -6.47
CA ASP A 218 -35.20 -27.99 -6.81
C ASP A 218 -34.28 -27.68 -5.62
N VAL A 219 -34.08 -28.68 -4.76
CA VAL A 219 -33.28 -28.51 -3.56
C VAL A 219 -31.82 -28.10 -3.76
N MET A 220 -31.40 -27.05 -3.05
CA MET A 220 -30.02 -26.56 -3.15
C MET A 220 -29.04 -27.35 -2.28
N VAL A 221 -28.40 -28.34 -2.90
CA VAL A 221 -27.40 -29.16 -2.21
C VAL A 221 -26.38 -29.57 -3.26
N ASN A 222 -25.17 -29.93 -2.81
CA ASN A 222 -24.09 -30.35 -3.71
C ASN A 222 -23.72 -29.21 -4.66
N ASN A 223 -23.67 -28.00 -4.11
CA ASN A 223 -23.31 -26.82 -4.89
C ASN A 223 -21.80 -26.57 -4.77
N TYR A 224 -21.02 -27.59 -5.14
CA TYR A 224 -19.56 -27.52 -5.08
C TYR A 224 -18.99 -28.03 -6.41
N ARG A 225 -17.80 -27.56 -6.75
CA ARG A 225 -17.15 -27.98 -7.99
C ARG A 225 -16.19 -29.12 -7.67
N PRO A 226 -16.11 -30.13 -8.57
CA PRO A 226 -15.20 -31.25 -8.31
C PRO A 226 -13.75 -30.82 -8.25
N LEU A 227 -12.92 -31.66 -7.62
CA LEU A 227 -11.50 -31.39 -7.47
C LEU A 227 -10.76 -31.28 -8.80
N GLN A 228 -9.81 -30.35 -8.86
CA GLN A 228 -9.01 -30.12 -10.06
C GLN A 228 -7.53 -30.42 -9.77
N PRO A 229 -6.77 -30.85 -10.79
CA PRO A 229 -5.36 -31.18 -10.61
C PRO A 229 -4.48 -29.97 -10.25
N LEU A 230 -3.54 -30.18 -9.34
CA LEU A 230 -2.64 -29.11 -8.92
C LEU A 230 -1.71 -28.68 -10.05
N ARG A 231 -1.36 -29.62 -10.93
CA ARG A 231 -0.46 -29.35 -12.03
C ARG A 231 0.92 -29.05 -11.46
N ASP A 232 1.57 -28.01 -11.95
CA ASP A 232 2.90 -27.64 -11.48
C ASP A 232 2.87 -26.43 -10.56
N ARG A 233 1.70 -26.14 -10.00
CA ARG A 233 1.55 -24.99 -9.11
C ARG A 233 2.25 -25.17 -7.78
N LYS A 234 2.67 -24.04 -7.22
CA LYS A 234 3.35 -24.03 -5.94
C LYS A 234 2.34 -23.92 -4.80
N LEU A 235 2.27 -24.97 -3.99
CA LEU A 235 1.37 -25.00 -2.84
C LEU A 235 2.20 -24.72 -1.60
N ARG A 236 1.98 -23.57 -0.98
CA ARG A 236 2.74 -23.18 0.20
C ARG A 236 1.90 -23.24 1.47
N SER A 237 2.59 -23.53 2.58
CA SER A 237 1.93 -23.58 3.89
C SER A 237 2.51 -22.46 4.73
N SER A 238 1.69 -21.87 5.58
CA SER A 238 2.14 -20.78 6.45
C SER A 238 2.69 -21.37 7.73
N PHE A 239 2.52 -22.68 7.88
CA PHE A 239 2.94 -23.40 9.07
C PHE A 239 3.89 -24.53 8.71
N ARG A 240 4.74 -24.91 9.66
CA ARG A 240 5.69 -25.98 9.42
C ARG A 240 4.98 -27.31 9.31
N LEU A 241 5.45 -28.12 8.37
CA LEU A 241 4.87 -29.43 8.10
C LEU A 241 5.63 -30.55 8.81
N GLY B 4 -4.52 11.37 0.35
CA GLY B 4 -4.43 11.93 -1.02
C GLY B 4 -4.86 13.39 -1.08
N THR B 5 -5.07 13.99 0.09
CA THR B 5 -5.49 15.38 0.14
C THR B 5 -4.38 16.31 0.62
N ARG B 6 -3.18 15.75 0.81
CA ARG B 6 -2.03 16.54 1.25
C ARG B 6 -0.79 16.08 0.48
N GLN B 7 -0.92 16.05 -0.84
CA GLN B 7 0.18 15.62 -1.71
C GLN B 7 1.08 16.77 -2.14
N SER B 8 2.33 16.43 -2.43
CA SER B 8 3.34 17.40 -2.86
C SER B 8 3.95 16.93 -4.17
N PRO B 9 4.59 17.84 -4.93
CA PRO B 9 4.77 19.28 -4.67
C PRO B 9 3.54 20.08 -5.09
N ILE B 10 3.57 21.38 -4.83
CA ILE B 10 2.46 22.26 -5.17
C ILE B 10 2.97 23.53 -5.84
N ASN B 11 2.04 24.27 -6.43
CA ASN B 11 2.37 25.55 -7.04
C ASN B 11 2.09 26.53 -5.90
N ILE B 12 3.15 27.15 -5.39
CA ILE B 12 3.04 28.10 -4.29
C ILE B 12 2.57 29.43 -4.85
N GLN B 13 1.31 29.75 -4.58
CA GLN B 13 0.69 30.97 -5.09
C GLN B 13 0.44 32.06 -4.06
N TRP B 14 0.62 33.31 -4.49
CA TRP B 14 0.40 34.46 -3.63
C TRP B 14 -1.00 34.46 -3.03
N LYS B 15 -2.00 34.20 -3.87
CA LYS B 15 -3.40 34.21 -3.45
C LYS B 15 -3.73 33.21 -2.33
N ASP B 16 -2.90 32.19 -2.17
CA ASP B 16 -3.12 31.19 -1.13
C ASP B 16 -2.28 31.44 0.11
N SER B 17 -1.23 32.24 -0.05
CA SER B 17 -0.32 32.53 1.05
C SER B 17 -0.90 33.37 2.18
N VAL B 18 -0.56 32.99 3.40
CA VAL B 18 -0.99 33.73 4.57
C VAL B 18 0.20 33.86 5.50
N TYR B 19 0.54 35.11 5.81
CA TYR B 19 1.67 35.41 6.69
C TYR B 19 1.38 35.02 8.13
N ASP B 20 2.28 34.24 8.73
CA ASP B 20 2.11 33.82 10.12
C ASP B 20 3.19 34.49 10.98
N PRO B 21 2.83 35.58 11.66
CA PRO B 21 3.79 36.29 12.51
C PRO B 21 4.18 35.51 13.76
N GLN B 22 3.44 34.46 14.07
CA GLN B 22 3.71 33.64 15.24
C GLN B 22 4.79 32.58 15.03
N LEU B 23 5.23 32.39 13.78
CA LEU B 23 6.27 31.39 13.51
C LEU B 23 7.58 31.71 14.23
N ALA B 24 8.01 30.78 15.09
CA ALA B 24 9.26 30.98 15.82
C ALA B 24 10.43 30.91 14.85
N PRO B 25 11.58 31.49 15.21
CA PRO B 25 12.75 31.45 14.33
C PRO B 25 13.13 30.02 13.93
N LEU B 26 13.39 29.81 12.65
CA LEU B 26 13.80 28.50 12.18
C LEU B 26 15.30 28.40 12.42
N ARG B 27 15.73 27.40 13.19
CA ARG B 27 17.13 27.21 13.49
C ARG B 27 17.74 26.08 12.69
N VAL B 28 18.76 26.41 11.89
CA VAL B 28 19.43 25.44 11.06
C VAL B 28 20.88 25.33 11.49
N SER B 29 21.28 24.14 11.95
CA SER B 29 22.66 23.92 12.37
C SER B 29 23.04 22.48 12.07
N TYR B 30 23.94 22.29 11.11
CA TYR B 30 24.37 20.95 10.72
C TYR B 30 25.81 20.64 11.12
N ASP B 31 26.09 19.35 11.30
CA ASP B 31 27.44 18.91 11.64
C ASP B 31 28.08 18.43 10.35
N ALA B 32 28.93 19.27 9.76
CA ALA B 32 29.58 18.94 8.50
C ALA B 32 30.32 17.62 8.56
N ALA B 33 30.93 17.32 9.70
CA ALA B 33 31.68 16.10 9.88
C ALA B 33 30.82 14.84 9.84
N SER B 34 29.50 15.00 9.89
CA SER B 34 28.62 13.84 9.88
C SER B 34 28.31 13.36 8.45
N CYS B 35 28.87 14.04 7.45
CA CYS B 35 28.64 13.66 6.07
C CYS B 35 29.35 12.33 5.81
N ARG B 36 28.73 11.45 5.04
CA ARG B 36 29.32 10.15 4.77
C ARG B 36 29.61 9.83 3.31
N TYR B 37 28.61 9.92 2.44
CA TYR B 37 28.83 9.63 1.03
C TYR B 37 27.77 10.20 0.11
N LEU B 38 28.05 10.17 -1.19
CA LEU B 38 27.15 10.66 -2.21
C LEU B 38 26.85 9.46 -3.09
N TRP B 39 25.58 9.26 -3.44
CA TRP B 39 25.23 8.12 -4.26
C TRP B 39 24.10 8.35 -5.23
N ASN B 40 24.06 7.49 -6.24
CA ASN B 40 23.04 7.51 -7.28
C ASN B 40 21.99 6.51 -6.79
N THR B 41 20.83 7.04 -6.37
CA THR B 41 19.75 6.21 -5.85
C THR B 41 18.97 5.48 -6.93
N GLY B 42 19.22 5.82 -8.19
CA GLY B 42 18.48 5.21 -9.27
C GLY B 42 17.36 6.16 -9.69
N TYR B 43 17.21 7.24 -8.93
CA TYR B 43 16.18 8.24 -9.21
C TYR B 43 16.77 9.66 -9.19
N ALA B 44 17.82 9.84 -8.40
CA ALA B 44 18.49 11.15 -8.28
C ALA B 44 19.85 10.85 -7.63
N PHE B 45 20.61 11.90 -7.32
CA PHE B 45 21.86 11.65 -6.60
C PHE B 45 21.58 12.23 -5.23
N GLN B 46 22.13 11.59 -4.21
CA GLN B 46 21.83 11.96 -2.83
C GLN B 46 23.06 11.89 -1.93
N VAL B 47 23.11 12.78 -0.95
CA VAL B 47 24.21 12.83 0.00
C VAL B 47 23.69 12.38 1.37
N GLU B 48 24.30 11.34 1.92
CA GLU B 48 23.91 10.75 3.20
C GLU B 48 24.76 11.19 4.39
N PHE B 49 24.11 11.40 5.53
CA PHE B 49 24.77 11.82 6.75
C PHE B 49 24.46 10.85 7.90
N ASP B 50 25.35 10.82 8.89
CA ASP B 50 25.12 9.98 10.06
C ASP B 50 24.14 10.74 10.94
N ASP B 51 22.99 10.14 11.24
CA ASP B 51 22.00 10.80 12.07
C ASP B 51 21.98 10.23 13.49
N SER B 52 23.16 9.83 13.97
CA SER B 52 23.29 9.26 15.31
C SER B 52 23.19 10.36 16.35
N CYS B 53 23.78 11.50 16.05
CA CYS B 53 23.76 12.66 16.95
C CYS B 53 22.49 13.48 16.73
N GLU B 54 22.08 14.23 17.75
CA GLU B 54 20.89 15.06 17.64
C GLU B 54 21.27 16.53 17.71
N ASP B 55 22.49 16.82 17.25
CA ASP B 55 23.02 18.17 17.23
C ASP B 55 23.20 18.62 15.79
N SER B 56 22.57 17.92 14.86
CA SER B 56 22.69 18.24 13.45
C SER B 56 21.35 18.16 12.73
N GLY B 57 20.70 19.30 12.59
CA GLY B 57 19.42 19.34 11.91
C GLY B 57 18.75 20.69 12.05
N ILE B 58 17.43 20.69 12.10
CA ILE B 58 16.68 21.93 12.20
C ILE B 58 15.61 21.88 13.29
N SER B 59 15.23 23.06 13.79
CA SER B 59 14.20 23.16 14.80
C SER B 59 13.56 24.54 14.69
N GLY B 60 12.51 24.77 15.47
CA GLY B 60 11.82 26.05 15.42
C GLY B 60 10.89 26.11 14.24
N GLY B 61 10.48 27.31 13.87
CA GLY B 61 9.56 27.44 12.75
C GLY B 61 8.28 26.66 12.96
N PRO B 62 7.85 25.88 11.97
CA PRO B 62 6.62 25.09 12.07
C PRO B 62 6.86 23.72 12.72
N LEU B 63 8.04 23.54 13.31
CA LEU B 63 8.40 22.26 13.91
C LEU B 63 8.22 22.19 15.43
N GLY B 64 7.63 21.09 15.88
CA GLY B 64 7.38 20.89 17.31
C GLY B 64 8.65 20.65 18.11
N ASN B 65 9.67 20.11 17.46
CA ASN B 65 10.94 19.85 18.10
C ASN B 65 12.02 19.71 17.03
N HIS B 66 13.23 19.39 17.45
CA HIS B 66 14.35 19.22 16.53
C HIS B 66 14.15 18.00 15.62
N TYR B 67 14.58 18.14 14.36
CA TYR B 67 14.51 17.06 13.38
C TYR B 67 15.96 16.86 12.93
N ARG B 68 16.38 15.60 12.83
CA ARG B 68 17.75 15.27 12.44
C ARG B 68 17.96 15.21 10.94
N LEU B 69 19.07 15.79 10.47
CA LEU B 69 19.39 15.76 9.05
C LEU B 69 19.82 14.33 8.70
N LYS B 70 19.20 13.74 7.69
CA LYS B 70 19.55 12.39 7.26
C LYS B 70 20.23 12.42 5.90
N GLN B 71 19.65 13.19 4.97
CA GLN B 71 20.19 13.28 3.62
C GLN B 71 19.61 14.47 2.86
N PHE B 72 20.19 14.76 1.70
CA PHE B 72 19.66 15.79 0.84
C PHE B 72 19.88 15.30 -0.59
N HIS B 73 18.97 15.66 -1.49
CA HIS B 73 19.08 15.22 -2.87
C HIS B 73 18.56 16.30 -3.82
N PHE B 74 18.64 16.02 -5.11
CA PHE B 74 18.21 16.99 -6.12
C PHE B 74 17.23 16.43 -7.15
N HIS B 75 16.47 17.35 -7.75
CA HIS B 75 15.49 17.05 -8.79
C HIS B 75 15.81 18.03 -9.93
N TRP B 76 15.79 17.56 -11.17
CA TRP B 76 16.10 18.42 -12.32
C TRP B 76 15.44 17.99 -13.63
N GLY B 77 15.58 18.83 -14.66
CA GLY B 77 14.99 18.51 -15.95
C GLY B 77 15.95 18.19 -17.08
N ALA B 78 15.38 17.90 -18.26
CA ALA B 78 16.17 17.58 -19.43
C ALA B 78 16.91 18.81 -19.96
N THR B 79 16.40 19.99 -19.63
CA THR B 79 17.03 21.25 -20.04
C THR B 79 16.90 22.22 -18.87
N ASP B 80 17.49 23.40 -19.00
CA ASP B 80 17.42 24.41 -17.94
C ASP B 80 16.06 25.07 -17.80
N GLU B 81 15.13 24.80 -18.71
CA GLU B 81 13.83 25.44 -18.66
C GLU B 81 12.84 24.92 -17.61
N TRP B 82 13.11 23.76 -17.03
CA TRP B 82 12.23 23.22 -16.00
C TRP B 82 13.02 22.20 -15.18
N GLY B 83 12.39 21.62 -14.17
CA GLY B 83 13.12 20.65 -13.36
C GLY B 83 12.73 20.63 -11.89
N SER B 84 12.39 21.79 -11.32
CA SER B 84 12.03 21.83 -9.90
C SER B 84 10.66 21.17 -9.67
N GLU B 85 10.43 20.73 -8.44
CA GLU B 85 9.17 20.07 -8.12
C GLU B 85 8.09 21.11 -7.82
N HIS B 86 8.38 21.99 -6.87
CA HIS B 86 7.42 23.04 -6.55
C HIS B 86 7.56 24.12 -7.62
N ALA B 87 6.56 24.99 -7.67
CA ALA B 87 6.55 26.12 -8.59
C ALA B 87 6.13 27.32 -7.74
N VAL B 88 6.50 28.52 -8.19
CA VAL B 88 6.15 29.74 -7.46
C VAL B 88 5.35 30.58 -8.43
N ASP B 89 4.07 30.75 -8.13
CA ASP B 89 3.14 31.50 -8.97
C ASP B 89 3.24 31.04 -10.41
N GLY B 90 3.33 29.72 -10.61
CA GLY B 90 3.40 29.16 -11.94
C GLY B 90 4.79 29.04 -12.53
N HIS B 91 5.79 29.61 -11.86
CA HIS B 91 7.16 29.54 -12.37
C HIS B 91 7.95 28.35 -11.85
N THR B 92 8.49 27.57 -12.78
CA THR B 92 9.29 26.40 -12.45
C THR B 92 10.76 26.76 -12.63
N TYR B 93 11.60 26.24 -11.75
CA TYR B 93 13.04 26.51 -11.79
C TYR B 93 13.77 25.32 -12.42
N PRO B 94 15.03 25.52 -12.80
CA PRO B 94 15.79 24.41 -13.41
C PRO B 94 16.05 23.21 -12.50
N ALA B 95 16.09 23.44 -11.19
CA ALA B 95 16.33 22.33 -10.26
C ALA B 95 15.84 22.66 -8.85
N GLU B 96 15.77 21.63 -8.00
CA GLU B 96 15.33 21.82 -6.63
C GLU B 96 16.10 20.87 -5.72
N LEU B 97 16.55 21.41 -4.61
CA LEU B 97 17.29 20.69 -3.58
C LEU B 97 16.37 20.41 -2.41
N HIS B 98 16.40 19.18 -1.91
CA HIS B 98 15.57 18.80 -0.76
C HIS B 98 16.47 18.30 0.34
N LEU B 99 16.39 18.94 1.51
CA LEU B 99 17.16 18.52 2.67
C LEU B 99 16.13 17.81 3.56
N VAL B 100 16.33 16.52 3.75
CA VAL B 100 15.40 15.70 4.52
C VAL B 100 15.81 15.48 5.99
N HIS B 101 14.91 15.84 6.91
CA HIS B 101 15.17 15.69 8.33
C HIS B 101 14.05 14.85 8.94
N TRP B 102 14.34 14.08 9.99
CA TRP B 102 13.30 13.26 10.60
C TRP B 102 13.05 13.56 12.09
N ASN B 103 11.80 13.37 12.50
CA ASN B 103 11.37 13.63 13.87
C ASN B 103 11.92 12.60 14.85
N SER B 104 13.05 12.93 15.48
CA SER B 104 13.70 12.05 16.45
C SER B 104 12.98 12.02 17.79
N THR B 105 11.94 12.81 17.94
CA THR B 105 11.17 12.84 19.17
C THR B 105 10.01 11.85 19.07
N LYS B 106 9.27 11.96 17.97
CA LYS B 106 8.11 11.12 17.73
C LYS B 106 8.40 9.77 17.07
N TYR B 107 9.60 9.58 16.56
CA TYR B 107 9.96 8.32 15.90
C TYR B 107 11.34 7.80 16.29
N GLU B 108 11.51 6.48 16.17
CA GLU B 108 12.76 5.82 16.52
C GLU B 108 13.84 5.96 15.44
N ASN B 109 13.42 5.97 14.18
CA ASN B 109 14.36 6.10 13.08
C ASN B 109 13.72 6.78 11.88
N CYS B 110 14.54 7.19 10.92
CA CYS B 110 14.06 7.87 9.73
C CYS B 110 13.07 7.03 8.93
N LYS B 111 13.36 5.73 8.82
CA LYS B 111 12.48 4.82 8.09
C LYS B 111 11.04 4.90 8.56
N LYS B 112 10.82 4.76 9.86
CA LYS B 112 9.47 4.82 10.40
C LYS B 112 8.90 6.23 10.33
N ALA B 113 9.75 7.22 10.51
CA ALA B 113 9.32 8.61 10.46
C ALA B 113 8.84 9.00 9.05
N SER B 114 9.45 8.40 8.04
CA SER B 114 9.12 8.71 6.65
C SER B 114 7.67 8.40 6.28
N VAL B 115 7.03 7.51 7.04
CA VAL B 115 5.65 7.16 6.73
C VAL B 115 4.64 7.51 7.81
N GLY B 116 5.12 8.15 8.88
CA GLY B 116 4.23 8.53 9.96
C GLY B 116 3.89 10.01 10.01
N GLU B 117 2.80 10.32 10.69
CA GLU B 117 2.35 11.70 10.85
C GLU B 117 3.46 12.55 11.47
N ASN B 118 3.69 13.74 10.91
CA ASN B 118 4.72 14.65 11.39
C ASN B 118 6.07 13.96 11.54
N GLY B 119 6.36 13.02 10.66
CA GLY B 119 7.63 12.31 10.75
C GLY B 119 8.80 13.01 10.09
N LEU B 120 8.55 13.83 9.08
CA LEU B 120 9.66 14.49 8.39
C LEU B 120 9.47 15.99 8.21
N ALA B 121 10.61 16.67 8.04
CA ALA B 121 10.63 18.10 7.79
C ALA B 121 11.60 18.23 6.64
N VAL B 122 11.13 18.73 5.50
CA VAL B 122 12.00 18.85 4.34
C VAL B 122 12.11 20.29 3.87
N ILE B 123 13.34 20.76 3.75
CA ILE B 123 13.58 22.11 3.27
C ILE B 123 13.81 22.02 1.77
N GLY B 124 13.08 22.82 1.01
CA GLY B 124 13.23 22.81 -0.43
C GLY B 124 13.96 24.09 -0.83
N VAL B 125 14.92 23.97 -1.73
CA VAL B 125 15.68 25.13 -2.18
C VAL B 125 15.72 25.13 -3.71
N PHE B 126 15.29 26.22 -4.31
CA PHE B 126 15.28 26.31 -5.76
C PHE B 126 16.67 26.68 -6.26
N LEU B 127 17.07 26.09 -7.39
CA LEU B 127 18.35 26.40 -8.00
C LEU B 127 18.05 27.08 -9.33
N LYS B 128 18.75 28.17 -9.63
CA LYS B 128 18.56 28.91 -10.88
C LYS B 128 19.93 29.16 -11.52
N LEU B 129 19.95 29.39 -12.82
CA LEU B 129 21.20 29.65 -13.51
C LEU B 129 21.81 30.97 -13.05
N GLY B 130 23.12 30.96 -12.84
CA GLY B 130 23.80 32.16 -12.40
C GLY B 130 25.28 31.89 -12.17
N ALA B 131 25.83 32.48 -11.13
CA ALA B 131 27.23 32.31 -10.79
C ALA B 131 27.54 30.88 -10.35
N HIS B 132 28.78 30.48 -10.59
CA HIS B 132 29.30 29.17 -10.19
C HIS B 132 29.10 29.07 -8.67
N HIS B 133 28.68 27.91 -8.19
CA HIS B 133 28.46 27.71 -6.75
C HIS B 133 29.60 26.85 -6.20
N GLN B 134 30.45 27.46 -5.37
CA GLN B 134 31.61 26.79 -4.79
C GLN B 134 31.28 25.52 -4.00
N ALA B 135 30.33 25.62 -3.07
CA ALA B 135 29.94 24.46 -2.26
C ALA B 135 29.39 23.32 -3.12
N LEU B 136 28.50 23.65 -4.05
CA LEU B 136 27.93 22.63 -4.92
C LEU B 136 29.02 21.94 -5.76
N GLN B 137 30.09 22.67 -6.07
CA GLN B 137 31.15 22.07 -6.88
C GLN B 137 31.79 20.86 -6.18
N LYS B 138 31.82 20.89 -4.85
CA LYS B 138 32.40 19.79 -4.10
C LYS B 138 31.64 18.51 -4.46
N LEU B 139 30.35 18.66 -4.71
CA LEU B 139 29.50 17.53 -5.09
C LEU B 139 29.69 17.23 -6.56
N VAL B 140 29.63 18.26 -7.40
CA VAL B 140 29.78 18.07 -8.83
C VAL B 140 31.10 17.35 -9.13
N ASP B 141 32.14 17.67 -8.36
CA ASP B 141 33.45 17.04 -8.53
C ASP B 141 33.39 15.51 -8.55
N VAL B 142 32.51 14.91 -7.76
CA VAL B 142 32.43 13.45 -7.70
C VAL B 142 31.34 12.78 -8.53
N LEU B 143 30.51 13.58 -9.21
CA LEU B 143 29.45 13.02 -10.03
C LEU B 143 29.93 12.04 -11.09
N PRO B 144 31.15 12.23 -11.62
CA PRO B 144 31.62 11.28 -12.64
C PRO B 144 31.74 9.86 -12.07
N GLU B 145 31.83 9.76 -10.74
CA GLU B 145 31.97 8.48 -10.07
C GLU B 145 30.67 7.76 -9.76
N VAL B 146 29.54 8.44 -9.94
CA VAL B 146 28.25 7.82 -9.64
C VAL B 146 27.25 7.83 -10.78
N ARG B 147 27.75 7.70 -12.01
CA ARG B 147 26.90 7.69 -13.19
C ARG B 147 25.85 6.58 -13.15
N HIS B 148 26.24 5.39 -12.71
CA HIS B 148 25.30 4.28 -12.68
C HIS B 148 24.50 4.14 -11.39
N LYS B 149 23.29 3.60 -11.53
CA LYS B 149 22.39 3.37 -10.41
C LYS B 149 23.08 2.55 -9.31
N ASP B 150 22.80 2.91 -8.07
CA ASP B 150 23.34 2.22 -6.90
C ASP B 150 24.84 2.33 -6.64
N THR B 151 25.54 3.23 -7.33
CA THR B 151 26.96 3.38 -7.07
C THR B 151 27.13 4.56 -6.14
N GLN B 152 28.23 4.61 -5.41
CA GLN B 152 28.47 5.70 -4.48
C GLN B 152 29.92 6.08 -4.37
N VAL B 153 30.18 7.21 -3.70
CA VAL B 153 31.52 7.71 -3.52
C VAL B 153 31.62 8.42 -2.19
N ALA B 154 32.78 8.33 -1.54
CA ALA B 154 32.99 8.95 -0.25
C ALA B 154 32.94 10.47 -0.31
N MET B 155 32.40 11.08 0.76
CA MET B 155 32.32 12.53 0.87
C MET B 155 33.19 13.01 2.03
N GLY B 156 33.76 14.20 1.88
CA GLY B 156 34.55 14.76 2.96
C GLY B 156 33.52 15.53 3.75
N PRO B 157 33.90 16.25 4.82
CA PRO B 157 32.87 16.98 5.57
C PRO B 157 32.13 17.98 4.65
N PHE B 158 30.84 18.18 4.92
CA PHE B 158 30.04 19.08 4.10
C PHE B 158 28.88 19.65 4.89
N ASP B 159 28.78 20.97 4.95
CA ASP B 159 27.69 21.63 5.66
C ASP B 159 26.67 22.04 4.61
N PRO B 160 25.51 21.37 4.58
CA PRO B 160 24.45 21.66 3.61
C PRO B 160 23.91 23.09 3.69
N SER B 161 24.18 23.79 4.78
CA SER B 161 23.74 25.18 4.92
C SER B 161 24.40 26.02 3.83
N CYS B 162 25.52 25.52 3.34
CA CYS B 162 26.28 26.22 2.31
C CYS B 162 25.51 26.23 0.98
N LEU B 163 24.49 25.37 0.87
CA LEU B 163 23.68 25.30 -0.34
C LEU B 163 22.40 26.12 -0.22
N MET B 164 22.25 26.82 0.90
CA MET B 164 21.06 27.61 1.11
C MET B 164 21.27 29.08 0.81
N PRO B 165 20.18 29.82 0.54
CA PRO B 165 20.29 31.24 0.25
C PRO B 165 20.55 32.00 1.56
N ALA B 166 21.12 33.19 1.43
CA ALA B 166 21.39 34.03 2.59
C ALA B 166 20.07 34.46 3.23
N CYS B 167 19.10 34.83 2.40
CA CYS B 167 17.78 35.22 2.87
C CYS B 167 17.09 33.90 3.19
N ARG B 168 16.55 33.77 4.40
CA ARG B 168 15.90 32.52 4.78
C ARG B 168 14.36 32.54 4.83
N ASP B 169 13.74 33.53 4.20
CA ASP B 169 12.29 33.61 4.17
C ASP B 169 11.77 32.32 3.54
N TYR B 170 10.64 31.82 4.01
CA TYR B 170 10.10 30.58 3.46
C TYR B 170 8.58 30.45 3.56
N TRP B 171 8.05 29.43 2.90
CA TRP B 171 6.63 29.11 2.93
C TRP B 171 6.60 27.74 3.59
N THR B 172 5.53 27.43 4.32
CA THR B 172 5.42 26.12 4.93
C THR B 172 3.99 25.59 4.81
N TYR B 173 3.88 24.30 4.55
CA TYR B 173 2.58 23.66 4.41
C TYR B 173 2.74 22.16 4.67
N PRO B 174 1.66 21.50 5.13
CA PRO B 174 1.72 20.06 5.39
C PRO B 174 1.65 19.30 4.07
N GLY B 175 2.61 18.43 3.82
CA GLY B 175 2.59 17.71 2.56
C GLY B 175 3.06 16.26 2.60
N SER B 176 3.63 15.80 1.49
CA SER B 176 4.07 14.43 1.38
C SER B 176 5.42 14.24 0.70
N LEU B 177 5.82 12.98 0.58
CA LEU B 177 7.06 12.61 -0.09
C LEU B 177 6.70 12.75 -1.56
N THR B 178 7.70 13.01 -2.41
CA THR B 178 7.42 13.14 -3.83
C THR B 178 7.85 11.89 -4.59
N THR B 179 8.19 10.84 -3.84
CA THR B 179 8.56 9.56 -4.40
C THR B 179 7.81 8.50 -3.57
N PRO B 180 7.67 7.27 -4.10
CA PRO B 180 6.95 6.23 -3.35
C PRO B 180 7.50 6.12 -1.93
N PRO B 181 6.64 5.84 -0.95
CA PRO B 181 5.20 5.62 -1.06
C PRO B 181 4.32 6.87 -1.07
N LEU B 182 4.92 8.04 -1.24
CA LEU B 182 4.15 9.29 -1.27
C LEU B 182 3.37 9.52 0.03
N ALA B 183 3.97 9.13 1.15
CA ALA B 183 3.34 9.29 2.46
C ALA B 183 3.20 10.76 2.85
N GLU B 184 2.06 11.12 3.43
CA GLU B 184 1.81 12.50 3.85
C GLU B 184 2.40 12.73 5.23
N SER B 185 3.70 12.51 5.34
CA SER B 185 4.45 12.64 6.58
C SER B 185 5.37 13.86 6.63
N VAL B 186 5.21 14.77 5.67
CA VAL B 186 6.11 15.91 5.60
C VAL B 186 5.63 17.31 5.93
N THR B 187 6.42 18.02 6.73
CA THR B 187 6.14 19.41 7.02
C THR B 187 7.11 20.07 6.03
N TRP B 188 6.56 20.67 4.98
CA TRP B 188 7.41 21.31 3.99
C TRP B 188 7.81 22.73 4.38
N ILE B 189 9.06 23.07 4.07
CA ILE B 189 9.64 24.38 4.32
C ILE B 189 10.34 24.72 3.01
N VAL B 190 9.70 25.52 2.18
CA VAL B 190 10.29 25.88 0.90
C VAL B 190 10.83 27.30 0.98
N GLN B 191 12.14 27.45 0.81
CA GLN B 191 12.77 28.76 0.88
C GLN B 191 12.43 29.58 -0.37
N LYS B 192 12.06 30.83 -0.15
CA LYS B 192 11.67 31.73 -1.23
C LYS B 192 12.78 32.16 -2.19
N THR B 193 13.99 32.33 -1.65
CA THR B 193 15.11 32.80 -2.45
C THR B 193 15.92 31.71 -3.18
N PRO B 194 15.88 31.72 -4.52
CA PRO B 194 16.64 30.72 -5.27
C PRO B 194 18.14 30.88 -5.09
N VAL B 195 18.87 29.78 -5.30
CA VAL B 195 20.33 29.76 -5.17
C VAL B 195 20.95 29.61 -6.55
N GLU B 196 21.92 30.45 -6.86
CA GLU B 196 22.58 30.40 -8.16
C GLU B 196 23.62 29.31 -8.35
N VAL B 197 23.55 28.64 -9.49
CA VAL B 197 24.51 27.60 -9.86
C VAL B 197 24.82 27.83 -11.33
N SER B 198 26.01 27.44 -11.78
CA SER B 198 26.38 27.66 -13.17
C SER B 198 25.72 26.63 -14.10
N PRO B 199 25.59 26.98 -15.39
CA PRO B 199 24.98 26.08 -16.36
C PRO B 199 25.71 24.73 -16.45
N SER B 200 27.03 24.77 -16.38
CA SER B 200 27.78 23.51 -16.47
C SER B 200 27.64 22.65 -15.22
N GLN B 201 27.34 23.28 -14.08
CA GLN B 201 27.16 22.49 -12.86
C GLN B 201 25.89 21.66 -13.04
N LEU B 202 24.82 22.31 -13.50
CA LEU B 202 23.58 21.59 -13.74
C LEU B 202 23.71 20.55 -14.85
N SER B 203 24.47 20.87 -15.90
CA SER B 203 24.61 19.90 -16.98
C SER B 203 25.27 18.61 -16.48
N MET B 204 26.12 18.70 -15.47
CA MET B 204 26.76 17.50 -14.92
C MET B 204 25.70 16.59 -14.29
N PHE B 205 24.65 17.20 -13.73
CA PHE B 205 23.55 16.43 -13.13
C PHE B 205 22.98 15.49 -14.19
N ARG B 206 22.89 15.99 -15.42
CA ARG B 206 22.33 15.25 -16.54
C ARG B 206 23.24 14.18 -17.16
N THR B 207 24.41 13.96 -16.58
CA THR B 207 25.32 12.93 -17.08
C THR B 207 25.05 11.64 -16.30
N LEU B 208 24.18 11.73 -15.28
CA LEU B 208 23.84 10.57 -14.47
C LEU B 208 22.83 9.67 -15.18
N LEU B 209 22.73 8.43 -14.72
CA LEU B 209 21.83 7.46 -15.34
C LEU B 209 20.88 6.77 -14.35
N PHE B 210 19.68 6.44 -14.82
CA PHE B 210 18.69 5.73 -14.03
C PHE B 210 19.10 4.26 -14.09
N SER B 211 19.78 3.91 -15.18
CA SER B 211 20.24 2.55 -15.44
C SER B 211 21.49 2.13 -14.66
N GLY B 212 21.66 0.82 -14.51
CA GLY B 212 22.83 0.31 -13.80
C GLY B 212 23.93 -0.12 -14.75
N ARG B 213 25.08 -0.53 -14.20
CA ARG B 213 26.20 -0.97 -15.01
C ARG B 213 25.81 -2.16 -15.88
N GLY B 214 26.28 -2.15 -17.12
CA GLY B 214 25.97 -3.24 -18.03
C GLY B 214 24.62 -3.14 -18.74
N GLU B 215 23.79 -2.18 -18.33
CA GLU B 215 22.48 -2.03 -18.96
C GLU B 215 22.52 -0.91 -19.99
N GLU B 216 21.54 -0.88 -20.87
CA GLU B 216 21.48 0.17 -21.88
C GLU B 216 21.32 1.48 -21.10
N GLU B 217 22.09 2.49 -21.46
CA GLU B 217 22.01 3.76 -20.75
C GLU B 217 20.62 4.37 -20.79
N ASP B 218 20.19 4.86 -19.62
CA ASP B 218 18.89 5.49 -19.46
C ASP B 218 19.18 6.78 -18.70
N VAL B 219 19.26 7.89 -19.42
CA VAL B 219 19.58 9.19 -18.85
C VAL B 219 18.68 9.68 -17.73
N MET B 220 19.31 10.09 -16.62
CA MET B 220 18.59 10.59 -15.47
C MET B 220 18.27 12.08 -15.60
N VAL B 221 17.07 12.37 -16.11
CA VAL B 221 16.56 13.73 -16.27
C VAL B 221 15.04 13.66 -16.05
N ASN B 222 14.45 14.78 -15.65
CA ASN B 222 13.01 14.85 -15.42
C ASN B 222 12.59 13.96 -14.25
N ASN B 223 13.41 13.91 -13.21
CA ASN B 223 13.12 13.10 -12.03
C ASN B 223 12.37 13.97 -11.01
N TYR B 224 11.21 14.46 -11.43
CA TYR B 224 10.37 15.31 -10.59
C TYR B 224 8.94 14.84 -10.71
N ARG B 225 8.15 15.11 -9.68
CA ARG B 225 6.75 14.72 -9.67
C ARG B 225 5.88 15.90 -10.09
N PRO B 226 4.82 15.64 -10.86
CA PRO B 226 3.95 16.74 -11.30
C PRO B 226 3.28 17.47 -10.12
N LEU B 227 2.90 18.72 -10.36
CA LEU B 227 2.25 19.55 -9.36
C LEU B 227 0.93 18.96 -8.85
N GLN B 228 0.66 19.15 -7.57
CA GLN B 228 -0.56 18.65 -6.93
C GLN B 228 -1.38 19.81 -6.40
N PRO B 229 -2.71 19.67 -6.35
CA PRO B 229 -3.56 20.76 -5.84
C PRO B 229 -3.38 20.99 -4.34
N LEU B 230 -3.39 22.25 -3.94
CA LEU B 230 -3.24 22.62 -2.53
C LEU B 230 -4.44 22.12 -1.73
N ARG B 231 -5.61 22.13 -2.35
CA ARG B 231 -6.85 21.72 -1.68
C ARG B 231 -7.17 22.73 -0.59
N ASP B 232 -7.53 22.25 0.59
CA ASP B 232 -7.89 23.15 1.69
C ASP B 232 -6.76 23.35 2.70
N ARG B 233 -5.55 22.95 2.34
CA ARG B 233 -4.41 23.10 3.23
C ARG B 233 -4.02 24.56 3.46
N LYS B 234 -3.45 24.84 4.61
CA LYS B 234 -3.03 26.20 4.93
C LYS B 234 -1.60 26.42 4.49
N LEU B 235 -1.40 27.37 3.58
CA LEU B 235 -0.08 27.72 3.10
C LEU B 235 0.36 28.96 3.86
N ARG B 236 1.36 28.81 4.72
CA ARG B 236 1.83 29.94 5.52
C ARG B 236 3.18 30.47 5.04
N SER B 237 3.37 31.78 5.17
CA SER B 237 4.64 32.38 4.80
C SER B 237 5.26 32.89 6.10
N SER B 238 6.58 32.90 6.16
CA SER B 238 7.31 33.35 7.33
C SER B 238 7.57 34.84 7.17
N PHE B 239 7.14 35.37 6.03
CA PHE B 239 7.38 36.77 5.70
C PHE B 239 6.13 37.50 5.26
N ARG B 240 6.07 38.79 5.57
CA ARG B 240 4.92 39.62 5.19
C ARG B 240 4.78 39.58 3.67
N LEU B 241 3.55 39.44 3.20
CA LEU B 241 3.27 39.37 1.77
C LEU B 241 3.00 40.76 1.20
K K C . -33.95 -10.28 -5.03
ZN ZN D . -17.06 -20.22 -3.45
CG 4MZ E . -16.50 -10.61 -7.13
CG 4MZ E . -16.50 -10.61 -7.13
ND1 4MZ E . -17.71 -10.50 -6.54
ND1 4MZ E . -17.71 -10.50 -6.54
CD2 4MZ E . -16.27 -11.90 -7.45
CD2 4MZ E . -16.27 -11.90 -7.45
CE1 4MZ E . -18.18 -11.70 -6.51
CE1 4MZ E . -18.18 -11.70 -6.51
NE2 4MZ E . -17.35 -12.58 -7.05
NE2 4MZ E . -17.35 -12.58 -7.05
C4 4MZ E . -15.58 -9.44 -7.38
C4 4MZ E . -15.58 -9.44 -7.38
C4 4MZ F . -16.05 -12.75 16.28
CG 4MZ G . -2.26 -23.96 15.76
ND1 4MZ G . -1.10 -24.53 15.36
CD2 4MZ G . -2.78 -24.68 16.77
CE1 4MZ G . -0.93 -25.54 16.13
NE2 4MZ G . -1.94 -25.68 17.01
C4 4MZ G . -2.84 -22.72 15.11
C ACY H . -15.15 -18.39 -5.41
O ACY H . -15.52 -18.47 -4.17
OXT ACY H . -15.61 -19.06 -6.40
CH3 ACY H . -14.06 -17.36 -5.64
C ACY I . -5.06 -14.41 10.33
O ACY I . -5.14 -13.46 11.23
OXT ACY I . -6.02 -14.96 9.70
CH3 ACY I . -3.64 -14.88 10.06
ZN ZN J . 12.96 15.25 -3.16
C4 4MZ K . 28.76 27.57 3.76
CG 4MZ L . 15.58 39.05 2.73
ND1 4MZ L . 14.46 39.65 2.30
CD2 4MZ L . 16.65 39.82 2.45
CE1 4MZ L . 14.85 40.76 1.78
NE2 4MZ L . 16.17 40.91 1.84
C4 4MZ L . 15.59 37.70 3.42
C ACY M . 10.93 14.16 -0.75
O ACY M . 12.04 14.79 -1.00
OXT ACY M . 10.35 13.28 -1.47
CH3 ACY M . 10.31 14.56 0.57
#